data_2RDM
#
_entry.id   2RDM
#
_cell.length_a   122.593
_cell.length_b   58.657
_cell.length_c   60.301
_cell.angle_alpha   90.00
_cell.angle_beta   117.96
_cell.angle_gamma   90.00
#
_symmetry.space_group_name_H-M   'C 1 2 1'
#
loop_
_entity.id
_entity.type
_entity.pdbx_description
1 polymer 'Response regulator receiver protein'
2 non-polymer GLYCEROL
3 water water
#
_entity_poly.entity_id   1
_entity_poly.type   'polypeptide(L)'
_entity_poly.pdbx_seq_one_letter_code
;(MSE)SLEAVTILLADDEAILLLDFESTLTDAGFLVTAVSSGAKAIE(MSE)LKSGAAIDGVVTDIRFCQPPDGWQVARV
AREIDPN(MSE)PIVYISGHAALEWASNGVPDSIILEKPFTSAQLITAVSQLLNAREGHHHHHH
;
_entity_poly.pdbx_strand_id   A,B,C
#
loop_
_chem_comp.id
_chem_comp.type
_chem_comp.name
_chem_comp.formula
GOL non-polymer GLYCEROL 'C3 H8 O3'
#
# COMPACT_ATOMS: atom_id res chain seq x y z
N SER A 2 -14.26 20.89 12.79
CA SER A 2 -15.58 21.49 12.47
C SER A 2 -16.01 21.17 11.04
N LEU A 3 -17.25 21.51 10.73
CA LEU A 3 -17.79 21.32 9.38
C LEU A 3 -17.27 22.34 8.38
N GLU A 4 -16.81 23.48 8.89
CA GLU A 4 -16.46 24.61 8.04
C GLU A 4 -14.97 24.66 7.72
N ALA A 5 -14.16 24.11 8.62
CA ALA A 5 -12.71 24.24 8.49
C ALA A 5 -11.96 22.93 8.69
N VAL A 6 -10.73 22.93 8.21
CA VAL A 6 -9.84 21.79 8.29
C VAL A 6 -8.91 22.05 9.47
N THR A 7 -8.84 21.10 10.40
CA THR A 7 -8.05 21.29 11.61
C THR A 7 -6.72 20.52 11.56
N ILE A 8 -5.64 21.24 11.82
CA ILE A 8 -4.33 20.61 11.84
C ILE A 8 -3.80 20.62 13.28
N LEU A 9 -3.43 19.45 13.78
CA LEU A 9 -2.78 19.35 15.06
C LEU A 9 -1.33 19.61 14.78
N LEU A 10 -0.78 20.65 15.41
CA LEU A 10 0.61 21.02 15.25
C LEU A 10 1.35 20.85 16.57
N ALA A 11 2.38 20.01 16.58
CA ALA A 11 3.13 19.72 17.80
C ALA A 11 4.58 20.14 17.64
N ASP A 12 4.96 21.24 18.28
CA ASP A 12 6.32 21.76 18.20
C ASP A 12 6.71 22.41 19.53
N ASP A 13 7.95 22.10 19.95
CA ASP A 13 8.56 22.52 21.21
C ASP A 13 8.75 24.03 21.39
N GLU A 14 9.47 24.65 20.45
CA GLU A 14 9.90 26.04 20.64
C GLU A 14 8.87 27.07 20.20
N ALA A 15 8.84 28.17 20.96
CA ALA A 15 7.86 29.26 20.80
C ALA A 15 7.93 29.96 19.45
N ILE A 16 9.14 30.29 18.99
CA ILE A 16 9.34 30.98 17.70
C ILE A 16 8.77 30.17 16.52
N LEU A 17 9.05 28.86 16.50
CA LEU A 17 8.66 28.00 15.40
C LEU A 17 7.20 27.60 15.42
N LEU A 18 6.68 27.26 16.60
CA LEU A 18 5.27 26.93 16.75
C LEU A 18 4.38 28.05 16.20
N LEU A 19 4.68 29.28 16.58
CA LEU A 19 3.93 30.47 16.10
C LEU A 19 4.16 30.75 14.61
N ASP A 20 5.37 30.43 14.12
CA ASP A 20 5.75 30.54 12.72
C ASP A 20 4.98 29.53 11.88
N PHE A 21 5.03 28.26 12.29
CA PHE A 21 4.29 27.20 11.61
C PHE A 21 2.78 27.44 11.73
N GLU A 22 2.34 27.87 12.91
CA GLU A 22 0.92 28.11 13.18
C GLU A 22 0.35 29.18 12.25
N SER A 23 1.04 30.32 12.14
CA SER A 23 0.56 31.43 11.31
C SER A 23 0.61 31.10 9.82
N THR A 24 1.64 30.35 9.40
CA THR A 24 1.74 29.81 8.04
C THR A 24 0.49 28.99 7.71
N LEU A 25 0.12 28.08 8.61
CA LEU A 25 -1.03 27.23 8.39
C LEU A 25 -2.36 28.00 8.45
N THR A 26 -2.49 28.96 9.38
CA THR A 26 -3.73 29.75 9.44
C THR A 26 -3.91 30.68 8.24
N ASP A 27 -2.80 31.23 7.73
CA ASP A 27 -2.85 32.03 6.49
C ASP A 27 -3.35 31.24 5.29
N ALA A 28 -3.01 29.95 5.24
CA ALA A 28 -3.43 29.05 4.17
C ALA A 28 -4.85 28.54 4.30
N GLY A 29 -5.52 28.91 5.40
CA GLY A 29 -6.93 28.58 5.58
C GLY A 29 -7.23 27.48 6.60
N PHE A 30 -6.19 26.96 7.26
CA PHE A 30 -6.36 25.88 8.23
C PHE A 30 -6.66 26.42 9.63
N LEU A 31 -7.48 25.70 10.39
CA LEU A 31 -7.53 25.87 11.84
C LEU A 31 -6.36 25.07 12.42
N VAL A 32 -5.70 25.64 13.42
CA VAL A 32 -4.56 24.99 14.03
C VAL A 32 -4.77 24.79 15.53
N THR A 33 -4.63 23.54 15.97
CA THR A 33 -4.56 23.22 17.40
C THR A 33 -3.09 23.03 17.69
N ALA A 34 -2.50 24.01 18.36
CA ALA A 34 -1.05 24.03 18.57
C ALA A 34 -0.71 23.49 19.95
N VAL A 35 0.16 22.48 20.01
CA VAL A 35 0.59 21.90 21.30
C VAL A 35 2.11 21.84 21.35
N SER A 36 2.66 21.78 22.57
CA SER A 36 4.11 21.89 22.73
C SER A 36 4.81 20.58 23.11
N SER A 37 4.08 19.46 23.11
CA SER A 37 4.71 18.15 23.35
C SER A 37 4.00 17.01 22.64
N GLY A 38 4.71 15.90 22.47
CA GLY A 38 4.12 14.67 21.96
C GLY A 38 3.03 14.11 22.83
N ALA A 39 3.23 14.17 24.15
CA ALA A 39 2.23 13.72 25.13
C ALA A 39 0.94 14.47 24.98
N LYS A 40 1.05 15.80 24.80
CA LYS A 40 -0.13 16.66 24.63
CA LYS A 40 -0.14 16.66 24.63
C LYS A 40 -0.82 16.38 23.29
N ALA A 41 -0.02 16.17 22.25
CA ALA A 41 -0.57 15.79 20.93
C ALA A 41 -1.38 14.49 20.99
N ILE A 42 -0.84 13.48 21.66
CA ILE A 42 -1.52 12.17 21.79
C ILE A 42 -2.82 12.29 22.60
N GLU A 43 -2.78 13.07 23.67
CA GLU A 43 -3.97 13.36 24.48
C GLU A 43 -5.08 13.98 23.62
N MSE A 44 -4.71 14.95 22.82
CA MSE A 44 -5.62 15.57 21.93
C MSE A 44 -6.20 14.60 20.91
O MSE A 44 -7.39 14.57 20.69
CB MSE A 44 -5.00 16.77 21.29
CG MSE A 44 -5.92 17.59 20.52
SE MSE A 44 -7.15 18.65 21.53
CE MSE A 44 -6.19 18.77 23.07
N LEU A 45 -5.36 13.81 20.30
CA LEU A 45 -5.80 12.78 19.34
C LEU A 45 -6.79 11.82 19.99
N LYS A 46 -6.51 11.42 21.23
CA LYS A 46 -7.35 10.46 21.95
CA LYS A 46 -7.35 10.46 21.94
C LYS A 46 -8.62 11.07 22.54
N SER A 47 -8.73 12.40 22.51
CA SER A 47 -9.85 13.10 23.14
C SER A 47 -11.13 13.03 22.32
N GLY A 48 -11.00 12.64 21.04
CA GLY A 48 -12.13 12.62 20.13
C GLY A 48 -12.32 13.92 19.36
N ALA A 49 -11.43 14.88 19.56
CA ALA A 49 -11.42 16.13 18.80
C ALA A 49 -11.26 15.86 17.30
N ALA A 50 -11.93 16.67 16.49
CA ALA A 50 -11.85 16.55 15.03
C ALA A 50 -10.48 17.01 14.57
N ILE A 51 -9.63 16.05 14.21
CA ILE A 51 -8.29 16.32 13.71
CA ILE A 51 -8.30 16.35 13.70
C ILE A 51 -8.13 15.78 12.30
N ASP A 52 -7.83 16.67 11.35
CA ASP A 52 -7.77 16.28 9.95
C ASP A 52 -6.35 16.01 9.43
N GLY A 53 -5.34 16.44 10.17
CA GLY A 53 -3.98 16.18 9.73
C GLY A 53 -3.06 16.50 10.90
N VAL A 54 -1.84 16.01 10.83
CA VAL A 54 -0.95 16.14 11.97
C VAL A 54 0.41 16.59 11.45
N VAL A 55 0.90 17.70 11.99
CA VAL A 55 2.25 18.21 11.71
C VAL A 55 3.05 18.17 13.01
N THR A 56 4.05 17.31 13.09
CA THR A 56 4.73 17.03 14.36
C THR A 56 6.26 17.03 14.26
N ASP A 57 6.91 17.61 15.27
CA ASP A 57 8.37 17.40 15.49
C ASP A 57 8.72 15.94 15.72
N ILE A 58 9.98 15.58 15.48
CA ILE A 58 10.45 14.24 15.82
C ILE A 58 10.82 14.18 17.30
N ARG A 59 11.58 15.16 17.78
CA ARG A 59 12.06 15.17 19.16
C ARG A 59 11.33 16.22 19.98
N PHE A 60 10.88 15.83 21.17
CA PHE A 60 10.38 16.77 22.16
C PHE A 60 11.32 16.75 23.35
N CYS A 61 11.03 17.55 24.38
CA CYS A 61 11.88 17.60 25.58
C CYS A 61 11.94 16.22 26.24
N GLN A 62 10.79 15.56 26.30
CA GLN A 62 10.66 14.22 26.87
CA GLN A 62 10.65 14.22 26.88
C GLN A 62 9.86 13.31 25.93
N PRO A 63 10.07 11.97 26.04
CA PRO A 63 9.16 11.04 25.34
C PRO A 63 7.70 11.22 25.78
N PRO A 64 6.72 10.85 24.93
CA PRO A 64 6.76 10.20 23.62
C PRO A 64 7.23 11.10 22.48
N ASP A 65 7.97 10.52 21.53
CA ASP A 65 8.48 11.26 20.40
C ASP A 65 7.44 11.39 19.27
N GLY A 66 7.82 12.10 18.21
CA GLY A 66 6.94 12.33 17.07
C GLY A 66 6.58 11.10 16.27
N TRP A 67 7.48 10.11 16.26
CA TRP A 67 7.20 8.82 15.62
C TRP A 67 6.01 8.17 16.30
N GLN A 68 5.99 8.25 17.62
CA GLN A 68 4.90 7.67 18.40
CA GLN A 68 4.92 7.67 18.43
C GLN A 68 3.61 8.46 18.26
N VAL A 69 3.72 9.78 18.13
CA VAL A 69 2.55 10.64 17.87
C VAL A 69 1.83 10.19 16.60
N ALA A 70 2.62 9.96 15.54
CA ALA A 70 2.07 9.55 14.25
C ALA A 70 1.37 8.18 14.29
N ARG A 71 1.93 7.25 15.07
CA ARG A 71 1.36 5.92 15.23
C ARG A 71 -0.02 6.02 15.88
N VAL A 72 -0.11 6.83 16.94
CA VAL A 72 -1.40 7.06 17.61
C VAL A 72 -2.42 7.69 16.65
N ALA A 73 -1.99 8.70 15.91
CA ALA A 73 -2.85 9.34 14.89
C ALA A 73 -3.39 8.33 13.89
N ARG A 74 -2.53 7.41 13.46
CA ARG A 74 -2.92 6.40 12.47
C ARG A 74 -3.78 5.26 13.03
N GLU A 75 -3.65 4.98 14.32
CA GLU A 75 -4.59 4.10 15.02
C GLU A 75 -6.02 4.67 15.01
N ILE A 76 -6.13 5.97 15.26
CA ILE A 76 -7.41 6.68 15.25
C ILE A 76 -7.95 6.79 13.83
N ASP A 77 -7.08 7.15 12.89
CA ASP A 77 -7.49 7.31 11.50
C ASP A 77 -6.36 6.82 10.61
N PRO A 78 -6.54 5.66 9.98
CA PRO A 78 -5.54 5.00 9.13
C PRO A 78 -5.10 5.84 7.94
N ASN A 79 -5.92 6.80 7.54
CA ASN A 79 -5.61 7.68 6.41
C ASN A 79 -5.05 9.06 6.79
N MSE A 80 -4.80 9.27 8.08
CA MSE A 80 -4.43 10.59 8.61
C MSE A 80 -3.19 11.11 7.89
O MSE A 80 -2.20 10.40 7.84
CB MSE A 80 -4.10 10.52 10.10
CG MSE A 80 -3.86 11.90 10.71
SE MSE A 80 -5.60 12.87 10.98
CE MSE A 80 -5.94 12.18 12.76
N PRO A 81 -3.28 12.31 7.29
CA PRO A 81 -2.12 13.03 6.79
C PRO A 81 -1.08 13.26 7.90
N ILE A 82 0.17 12.87 7.63
CA ILE A 82 1.21 12.99 8.64
C ILE A 82 2.40 13.69 7.99
N VAL A 83 2.77 14.85 8.54
CA VAL A 83 3.99 15.55 8.14
C VAL A 83 4.89 15.65 9.36
N TYR A 84 6.10 15.12 9.25
CA TYR A 84 7.09 15.26 10.31
C TYR A 84 7.98 16.47 10.05
N ILE A 85 8.41 17.14 11.11
N ILE A 85 8.32 17.17 11.12
CA ILE A 85 9.29 18.30 11.02
CA ILE A 85 9.28 18.24 11.09
C ILE A 85 10.54 18.05 11.84
C ILE A 85 10.53 17.66 11.74
N SER A 86 11.66 18.05 11.16
CA SER A 86 12.89 17.73 11.83
C SER A 86 14.00 18.67 11.61
N GLY A 87 14.88 18.77 12.59
CA GLY A 87 16.08 19.59 12.47
C GLY A 87 17.17 18.90 11.66
N HIS A 88 17.58 17.73 12.13
CA HIS A 88 18.83 17.12 11.67
C HIS A 88 18.56 15.80 10.94
N ALA A 89 18.33 14.75 11.72
CA ALA A 89 18.33 13.40 11.18
C ALA A 89 16.98 13.03 10.58
N ALA A 90 16.93 12.94 9.25
CA ALA A 90 15.71 12.62 8.57
C ALA A 90 15.78 11.20 8.12
N LEU A 91 16.97 10.61 8.19
CA LEU A 91 17.19 9.23 7.72
C LEU A 91 16.50 8.22 8.64
N GLU A 92 16.21 8.63 9.86
CA GLU A 92 15.43 7.85 10.82
C GLU A 92 13.98 7.64 10.34
N TRP A 93 13.51 8.51 9.45
CA TRP A 93 12.18 8.33 8.82
C TRP A 93 12.06 7.02 8.06
N ALA A 94 13.15 6.59 7.43
CA ALA A 94 13.16 5.36 6.63
C ALA A 94 12.81 4.13 7.46
N SER A 95 13.11 4.18 8.76
CA SER A 95 12.81 3.08 9.66
C SER A 95 11.66 3.36 10.64
N ASN A 96 11.28 4.62 10.81
CA ASN A 96 10.31 4.99 11.85
C ASN A 96 9.04 5.69 11.37
N GLY A 97 9.09 6.30 10.18
CA GLY A 97 7.94 7.01 9.63
C GLY A 97 6.84 6.04 9.24
N VAL A 98 5.60 6.52 9.24
CA VAL A 98 4.47 5.70 8.83
C VAL A 98 4.29 5.77 7.32
N PRO A 99 3.62 4.77 6.71
CA PRO A 99 3.50 4.85 5.26
C PRO A 99 2.79 6.12 4.78
N ASP A 100 3.20 6.63 3.63
CA ASP A 100 2.63 7.80 2.97
C ASP A 100 2.73 9.13 3.72
N SER A 101 3.66 9.19 4.67
CA SER A 101 3.93 10.42 5.37
C SER A 101 4.96 11.21 4.60
N ILE A 102 5.14 12.49 4.94
CA ILE A 102 6.20 13.32 4.38
C ILE A 102 7.07 13.80 5.55
N ILE A 103 8.39 13.76 5.41
CA ILE A 103 9.24 14.44 6.38
C ILE A 103 9.88 15.68 5.76
N LEU A 104 9.81 16.80 6.48
CA LEU A 104 10.45 18.04 6.05
C LEU A 104 11.64 18.31 6.96
N GLU A 105 12.83 18.41 6.39
CA GLU A 105 14.01 18.71 7.20
C GLU A 105 14.44 20.16 7.01
N LYS A 106 14.71 20.82 8.13
CA LYS A 106 15.14 22.22 8.13
C LYS A 106 16.45 22.39 7.35
N PRO A 107 16.54 23.44 6.51
CA PRO A 107 15.51 24.45 6.28
C PRO A 107 14.48 24.01 5.23
N PHE A 108 13.24 24.43 5.43
CA PHE A 108 12.19 24.32 4.43
C PHE A 108 11.34 25.57 4.48
N THR A 109 10.58 25.82 3.41
CA THR A 109 9.84 27.05 3.28
C THR A 109 8.39 26.84 3.68
N SER A 110 7.70 27.97 3.87
CA SER A 110 6.26 27.97 4.10
C SER A 110 5.50 27.27 2.98
N ALA A 111 5.90 27.51 1.73
CA ALA A 111 5.30 26.86 0.56
C ALA A 111 5.42 25.34 0.65
N GLN A 112 6.60 24.85 1.03
CA GLN A 112 6.82 23.43 1.16
C GLN A 112 5.90 22.81 2.21
N LEU A 113 5.71 23.52 3.33
CA LEU A 113 4.89 22.98 4.42
C LEU A 113 3.44 22.88 3.94
N ILE A 114 2.97 23.94 3.31
CA ILE A 114 1.57 24.04 2.85
C ILE A 114 1.26 23.02 1.74
N THR A 115 2.18 22.89 0.79
CA THR A 115 2.09 21.90 -0.28
C THR A 115 2.02 20.49 0.29
N ALA A 116 2.89 20.17 1.24
CA ALA A 116 2.90 18.85 1.86
C ALA A 116 1.57 18.53 2.53
N VAL A 117 1.07 19.48 3.33
CA VAL A 117 -0.16 19.27 4.09
C VAL A 117 -1.34 19.08 3.11
N SER A 118 -1.44 19.99 2.14
CA SER A 118 -2.58 20.00 1.17
C SER A 118 -2.59 18.76 0.28
N GLN A 119 -1.41 18.36 -0.20
CA GLN A 119 -1.27 17.18 -1.03
C GLN A 119 -1.72 15.90 -0.30
N LEU A 120 -1.35 15.78 0.97
CA LEU A 120 -1.74 14.61 1.76
C LEU A 120 -3.22 14.59 2.12
N LEU A 121 -3.79 15.77 2.38
CA LEU A 121 -5.24 15.87 2.59
C LEU A 121 -5.99 15.55 1.32
N ASN A 122 -5.48 16.03 0.19
CA ASN A 122 -6.11 15.77 -1.11
C ASN A 122 -6.07 14.30 -1.52
N ALA A 123 -5.04 13.58 -1.10
CA ALA A 123 -4.84 12.18 -1.46
C ALA A 123 -5.74 11.18 -0.71
N ARG A 124 -6.49 11.67 0.29
CA ARG A 124 -7.40 10.85 1.09
C ARG A 124 -8.44 10.03 0.31
N GLU A 125 -8.99 10.62 -0.75
CA GLU A 125 -9.96 9.98 -1.68
C GLU A 125 -11.21 9.43 -1.00
N GLU B 4 27.25 -12.03 -9.00
CA GLU B 4 26.46 -12.49 -7.81
C GLU B 4 24.96 -12.67 -8.14
N ALA B 5 24.13 -12.52 -7.10
CA ALA B 5 22.70 -12.81 -7.22
C ALA B 5 21.86 -11.79 -6.43
N VAL B 6 20.55 -11.85 -6.61
CA VAL B 6 19.63 -10.99 -5.87
C VAL B 6 19.04 -11.86 -4.77
N THR B 7 19.30 -11.52 -3.52
CA THR B 7 18.86 -12.35 -2.40
C THR B 7 17.71 -11.72 -1.62
N ILE B 8 16.65 -12.51 -1.38
CA ILE B 8 15.52 -12.12 -0.57
C ILE B 8 15.52 -12.87 0.76
N LEU B 9 15.43 -12.12 1.85
CA LEU B 9 15.26 -12.73 3.17
C LEU B 9 13.77 -12.90 3.38
N LEU B 10 13.37 -14.15 3.63
CA LEU B 10 11.96 -14.50 3.75
C LEU B 10 11.72 -15.10 5.13
N ALA B 11 10.75 -14.54 5.86
CA ALA B 11 10.51 -14.92 7.25
C ALA B 11 9.05 -15.23 7.47
N ASP B 12 8.74 -16.49 7.78
CA ASP B 12 7.36 -16.91 8.03
C ASP B 12 7.46 -18.14 8.92
N ASP B 13 6.63 -18.18 9.97
CA ASP B 13 6.74 -19.27 10.94
C ASP B 13 5.94 -20.53 10.62
N GLU B 14 5.25 -20.55 9.49
CA GLU B 14 4.58 -21.75 9.03
C GLU B 14 5.40 -22.37 7.92
N ALA B 15 5.89 -23.60 8.15
CA ALA B 15 6.78 -24.28 7.21
C ALA B 15 6.16 -24.46 5.83
N ILE B 16 4.87 -24.82 5.79
CA ILE B 16 4.18 -25.02 4.52
C ILE B 16 4.13 -23.74 3.67
N LEU B 17 3.93 -22.59 4.34
CA LEU B 17 3.87 -21.30 3.65
C LEU B 17 5.25 -20.85 3.25
N LEU B 18 6.20 -20.98 4.18
CA LEU B 18 7.60 -20.65 3.91
C LEU B 18 8.14 -21.38 2.66
N LEU B 19 7.85 -22.68 2.54
CA LEU B 19 8.30 -23.48 1.41
C LEU B 19 7.66 -23.01 0.10
N ASP B 20 6.38 -22.70 0.19
CA ASP B 20 5.59 -22.20 -0.92
C ASP B 20 6.11 -20.84 -1.43
N PHE B 21 6.27 -19.87 -0.52
CA PHE B 21 6.78 -18.54 -0.89
C PHE B 21 8.21 -18.66 -1.41
N GLU B 22 9.00 -19.52 -0.78
CA GLU B 22 10.38 -19.75 -1.21
C GLU B 22 10.50 -20.27 -2.65
N SER B 23 9.69 -21.29 -3.00
CA SER B 23 9.71 -21.86 -4.35
CA SER B 23 9.74 -21.86 -4.35
C SER B 23 9.23 -20.87 -5.40
N THR B 24 8.22 -20.06 -5.03
CA THR B 24 7.72 -18.98 -5.89
C THR B 24 8.85 -18.02 -6.22
N LEU B 25 9.62 -17.63 -5.21
CA LEU B 25 10.68 -16.64 -5.39
C LEU B 25 11.93 -17.20 -6.10
N THR B 26 12.29 -18.45 -5.81
CA THR B 26 13.43 -19.08 -6.51
C THR B 26 13.12 -19.38 -7.99
N ASP B 27 11.88 -19.77 -8.29
CA ASP B 27 11.45 -19.97 -9.68
C ASP B 27 11.58 -18.67 -10.47
N ALA B 28 11.37 -17.53 -9.81
CA ALA B 28 11.45 -16.22 -10.46
C ALA B 28 12.88 -15.69 -10.59
N GLY B 29 13.84 -16.42 -10.03
CA GLY B 29 15.26 -16.06 -10.21
C GLY B 29 15.97 -15.53 -8.98
N PHE B 30 15.25 -15.38 -7.88
CA PHE B 30 15.85 -14.90 -6.64
C PHE B 30 16.56 -16.02 -5.89
N LEU B 31 17.62 -15.69 -5.16
CA LEU B 31 18.08 -16.58 -4.11
C LEU B 31 17.24 -16.21 -2.90
N VAL B 32 16.92 -17.21 -2.09
CA VAL B 32 16.13 -16.98 -0.90
C VAL B 32 16.83 -17.51 0.36
N THR B 33 16.94 -16.64 1.36
CA THR B 33 17.29 -17.07 2.72
C THR B 33 16.00 -17.18 3.54
N ALA B 34 15.53 -18.41 3.73
CA ALA B 34 14.25 -18.67 4.37
C ALA B 34 14.44 -18.95 5.86
N VAL B 35 13.85 -18.11 6.70
CA VAL B 35 13.95 -18.23 8.17
C VAL B 35 12.57 -18.33 8.81
N SER B 36 12.51 -18.91 10.00
CA SER B 36 11.22 -19.24 10.61
C SER B 36 10.78 -18.28 11.71
N SER B 37 11.60 -17.28 12.01
CA SER B 37 11.27 -16.29 13.03
C SER B 37 11.81 -14.92 12.68
N GLY B 38 11.20 -13.89 13.29
CA GLY B 38 11.67 -12.53 13.19
C GLY B 38 13.06 -12.40 13.81
N ALA B 39 13.29 -13.14 14.88
CA ALA B 39 14.57 -13.10 15.60
C ALA B 39 15.73 -13.58 14.71
N LYS B 40 15.50 -14.68 14.00
CA LYS B 40 16.48 -15.21 13.07
C LYS B 40 16.68 -14.26 11.89
N ALA B 41 15.59 -13.63 11.43
CA ALA B 41 15.70 -12.63 10.36
C ALA B 41 16.59 -11.46 10.75
N ILE B 42 16.44 -10.98 11.97
CA ILE B 42 17.23 -9.84 12.48
C ILE B 42 18.69 -10.23 12.65
N GLU B 43 18.91 -11.46 13.11
CA GLU B 43 20.25 -12.06 13.22
C GLU B 43 20.92 -12.10 11.84
N MSE B 44 20.15 -12.50 10.82
CA MSE B 44 20.63 -12.51 9.44
C MSE B 44 20.98 -11.11 8.94
O MSE B 44 22.03 -10.91 8.32
CB MSE B 44 19.59 -13.15 8.49
CG MSE B 44 19.38 -14.63 8.65
SE MSE B 44 20.99 -15.68 8.31
CE MSE B 44 21.65 -14.74 6.73
N LEU B 45 20.09 -10.15 9.20
CA LEU B 45 20.25 -8.77 8.74
C LEU B 45 21.49 -8.12 9.35
N LYS B 46 21.72 -8.40 10.62
CA LYS B 46 22.82 -7.77 11.35
C LYS B 46 24.18 -8.42 11.06
N SER B 47 24.16 -9.63 10.49
CA SER B 47 25.38 -10.39 10.20
C SER B 47 26.24 -9.82 9.05
N GLY B 48 25.66 -8.92 8.26
CA GLY B 48 26.36 -8.35 7.13
C GLY B 48 26.19 -9.16 5.86
N ALA B 49 25.33 -10.19 5.92
CA ALA B 49 24.93 -10.97 4.76
C ALA B 49 24.28 -10.06 3.73
N ALA B 50 24.54 -10.32 2.45
CA ALA B 50 24.06 -9.47 1.38
C ALA B 50 22.58 -9.78 1.14
N ILE B 51 21.72 -8.86 1.57
CA ILE B 51 20.27 -9.02 1.46
C ILE B 51 19.72 -7.85 0.68
N ASP B 52 18.96 -8.17 -0.36
CA ASP B 52 18.48 -7.17 -1.31
C ASP B 52 17.01 -6.81 -1.12
N GLY B 53 16.30 -7.60 -0.34
CA GLY B 53 14.88 -7.36 -0.09
C GLY B 53 14.43 -8.20 1.08
N VAL B 54 13.38 -7.77 1.77
CA VAL B 54 12.85 -8.54 2.89
C VAL B 54 11.36 -8.77 2.71
N VAL B 55 10.95 -10.03 2.84
CA VAL B 55 9.54 -10.43 2.87
C VAL B 55 9.29 -11.09 4.22
N THR B 56 8.47 -10.46 5.05
CA THR B 56 8.27 -10.91 6.42
C THR B 56 6.82 -10.97 6.86
N ASP B 57 6.47 -12.06 7.54
CA ASP B 57 5.27 -12.09 8.38
C ASP B 57 5.28 -10.96 9.39
N ILE B 58 4.09 -10.58 9.82
CA ILE B 58 3.92 -9.62 10.89
C ILE B 58 4.01 -10.26 12.28
N ARG B 59 3.27 -11.34 12.50
CA ARG B 59 3.28 -12.03 13.79
C ARG B 59 4.07 -13.33 13.73
N PHE B 60 4.96 -13.52 14.69
CA PHE B 60 5.65 -14.80 14.84
C PHE B 60 5.26 -15.46 16.16
N CYS B 61 5.73 -16.69 16.34
CA CYS B 61 5.59 -17.40 17.61
C CYS B 61 6.37 -16.67 18.69
N GLN B 62 7.67 -16.51 18.47
CA GLN B 62 8.50 -15.74 19.38
C GLN B 62 8.59 -14.27 18.96
N PRO B 63 8.80 -13.35 19.93
CA PRO B 63 9.16 -11.97 19.60
C PRO B 63 10.59 -11.89 19.03
N PRO B 64 10.93 -10.80 18.31
CA PRO B 64 10.16 -9.61 17.89
C PRO B 64 9.28 -9.84 16.67
N ASP B 65 8.34 -8.94 16.44
CA ASP B 65 7.38 -9.07 15.34
C ASP B 65 7.98 -8.57 14.03
N GLY B 66 7.24 -8.69 12.93
CA GLY B 66 7.75 -8.29 11.62
C GLY B 66 7.90 -6.80 11.45
N TRP B 67 7.15 -6.04 12.25
CA TRP B 67 7.25 -4.59 12.21
C TRP B 67 8.65 -4.20 12.64
N GLN B 68 9.15 -4.91 13.64
CA GLN B 68 10.53 -4.74 14.12
C GLN B 68 11.61 -5.26 13.16
N VAL B 69 11.39 -6.41 12.55
CA VAL B 69 12.24 -6.91 11.44
C VAL B 69 12.45 -5.82 10.38
N ALA B 70 11.36 -5.22 9.90
CA ALA B 70 11.47 -4.13 8.92
C ALA B 70 12.28 -2.90 9.39
N ARG B 71 12.17 -2.53 10.67
CA ARG B 71 12.88 -1.37 11.19
C ARG B 71 14.37 -1.67 11.22
N VAL B 72 14.73 -2.88 11.60
CA VAL B 72 16.15 -3.32 11.62
C VAL B 72 16.72 -3.32 10.20
N ALA B 73 15.96 -3.90 9.25
CA ALA B 73 16.31 -3.88 7.84
C ALA B 73 16.55 -2.47 7.29
N ARG B 74 15.72 -1.52 7.71
CA ARG B 74 15.80 -0.16 7.20
C ARG B 74 16.91 0.66 7.87
N GLU B 75 17.26 0.27 9.09
CA GLU B 75 18.45 0.83 9.77
C GLU B 75 19.76 0.46 9.03
N ILE B 76 19.79 -0.76 8.50
CA ILE B 76 20.92 -1.25 7.70
C ILE B 76 20.88 -0.66 6.28
N ASP B 77 19.70 -0.62 5.68
CA ASP B 77 19.54 -0.05 4.35
C ASP B 77 18.23 0.72 4.31
N PRO B 78 18.29 2.07 4.33
CA PRO B 78 17.12 2.95 4.28
C PRO B 78 16.23 2.77 3.04
N ASN B 79 16.76 2.15 1.99
CA ASN B 79 15.98 1.91 0.78
C ASN B 79 15.56 0.45 0.58
N MSE B 80 15.79 -0.39 1.60
CA MSE B 80 15.49 -1.82 1.56
C MSE B 80 14.05 -2.03 1.13
O MSE B 80 13.15 -1.49 1.76
CB MSE B 80 15.68 -2.44 2.95
CG MSE B 80 15.49 -3.96 3.01
SE MSE B 80 16.88 -4.91 2.04
CE MSE B 80 18.19 -5.00 3.53
N PRO B 81 13.83 -2.79 0.04
CA PRO B 81 12.47 -3.22 -0.30
C PRO B 81 11.87 -4.05 0.85
N ILE B 82 10.64 -3.72 1.27
CA ILE B 82 10.00 -4.38 2.40
C ILE B 82 8.61 -4.82 1.96
N VAL B 83 8.34 -6.11 2.06
CA VAL B 83 7.01 -6.64 1.79
C VAL B 83 6.55 -7.36 3.05
N TYR B 84 5.39 -6.96 3.57
CA TYR B 84 4.82 -7.65 4.72
C TYR B 84 3.76 -8.65 4.26
N ILE B 85 3.69 -9.78 4.98
CA ILE B 85 2.66 -10.81 4.77
C ILE B 85 1.77 -10.87 6.00
N SER B 86 0.48 -10.80 5.81
CA SER B 86 -0.37 -10.84 6.94
C SER B 86 -1.62 -11.58 6.66
N GLY B 87 -2.19 -12.14 7.70
CA GLY B 87 -3.54 -12.64 7.61
C GLY B 87 -4.51 -12.03 8.57
N HIS B 88 -4.02 -11.37 9.60
CA HIS B 88 -4.93 -10.93 10.63
C HIS B 88 -5.28 -9.45 10.63
N ALA B 89 -4.42 -8.62 11.19
CA ALA B 89 -4.67 -7.18 11.05
C ALA B 89 -3.75 -6.60 10.00
N ALA B 90 -4.34 -6.25 8.88
CA ALA B 90 -3.56 -5.62 7.86
C ALA B 90 -3.64 -4.15 8.05
N LEU B 91 -4.62 -3.70 8.82
CA LEU B 91 -4.77 -2.26 9.10
C LEU B 91 -3.76 -1.74 10.15
N GLU B 92 -3.04 -2.65 10.79
CA GLU B 92 -1.89 -2.28 11.63
C GLU B 92 -0.76 -1.64 10.82
N TRP B 93 -0.68 -2.01 9.54
CA TRP B 93 0.27 -1.41 8.60
C TRP B 93 0.21 0.11 8.52
N ALA B 94 -1.00 0.68 8.55
CA ALA B 94 -1.18 2.14 8.51
C ALA B 94 -0.42 2.86 9.63
N SER B 95 -0.26 2.19 10.78
CA SER B 95 0.41 2.80 11.93
C SER B 95 1.78 2.20 12.20
N ASN B 96 2.06 1.03 11.63
CA ASN B 96 3.30 0.31 11.94
C ASN B 96 4.26 0.09 10.80
N GLY B 97 3.75 0.07 9.56
CA GLY B 97 4.60 -0.21 8.40
C GLY B 97 5.64 0.88 8.17
N VAL B 98 6.74 0.54 7.50
CA VAL B 98 7.75 1.53 7.12
C VAL B 98 7.34 2.22 5.80
N PRO B 99 7.88 3.42 5.53
CA PRO B 99 7.50 4.08 4.26
C PRO B 99 7.90 3.29 3.02
N ASP B 100 7.05 3.36 1.99
CA ASP B 100 7.28 2.70 0.70
C ASP B 100 7.24 1.15 0.72
N SER B 101 6.68 0.60 1.79
CA SER B 101 6.59 -0.85 1.91
C SER B 101 5.27 -1.28 1.29
N ILE B 102 5.13 -2.57 1.07
CA ILE B 102 3.90 -3.17 0.54
C ILE B 102 3.43 -4.20 1.56
N ILE B 103 2.12 -4.27 1.80
CA ILE B 103 1.62 -5.35 2.64
C ILE B 103 0.70 -6.24 1.82
N LEU B 104 0.95 -7.54 1.89
CA LEU B 104 0.11 -8.52 1.20
C LEU B 104 -0.75 -9.20 2.24
N GLU B 105 -2.06 -9.15 2.00
CA GLU B 105 -3.01 -9.76 2.90
C GLU B 105 -3.42 -11.09 2.30
N LYS B 106 -3.34 -12.15 3.09
CA LYS B 106 -3.77 -13.48 2.65
C LYS B 106 -5.27 -13.49 2.41
N PRO B 107 -5.73 -14.17 1.33
CA PRO B 107 -4.95 -14.90 0.33
C PRO B 107 -4.33 -13.98 -0.74
N PHE B 108 -3.12 -14.32 -1.18
CA PHE B 108 -2.52 -13.67 -2.32
C PHE B 108 -1.84 -14.71 -3.19
N THR B 109 -1.62 -14.39 -4.45
CA THR B 109 -1.12 -15.36 -5.40
C THR B 109 0.38 -15.23 -5.52
N SER B 110 1.00 -16.23 -6.13
CA SER B 110 2.43 -16.22 -6.39
CA SER B 110 2.44 -16.23 -6.40
C SER B 110 2.83 -14.98 -7.20
N ALA B 111 1.99 -14.62 -8.16
CA ALA B 111 2.20 -13.48 -9.03
C ALA B 111 2.25 -12.16 -8.27
N GLN B 112 1.36 -12.02 -7.27
CA GLN B 112 1.30 -10.84 -6.43
C GLN B 112 2.61 -10.68 -5.68
N LEU B 113 3.12 -11.78 -5.14
CA LEU B 113 4.39 -11.74 -4.37
C LEU B 113 5.55 -11.35 -5.27
N ILE B 114 5.65 -12.00 -6.43
CA ILE B 114 6.68 -11.71 -7.41
CA ILE B 114 6.69 -11.71 -7.42
C ILE B 114 6.62 -10.25 -7.89
N THR B 115 5.42 -9.77 -8.22
CA THR B 115 5.26 -8.38 -8.61
C THR B 115 5.68 -7.36 -7.55
N ALA B 116 5.33 -7.62 -6.29
CA ALA B 116 5.59 -6.70 -5.18
C ALA B 116 7.10 -6.61 -5.00
N VAL B 117 7.75 -7.76 -4.97
CA VAL B 117 9.22 -7.80 -4.72
C VAL B 117 9.95 -7.13 -5.89
N SER B 118 9.54 -7.51 -7.10
CA SER B 118 10.18 -7.02 -8.32
C SER B 118 10.02 -5.51 -8.49
N GLN B 119 8.82 -4.98 -8.27
CA GLN B 119 8.61 -3.55 -8.47
CA GLN B 119 8.57 -3.54 -8.43
C GLN B 119 9.38 -2.71 -7.44
N LEU B 120 9.49 -3.20 -6.20
CA LEU B 120 10.24 -2.50 -5.17
C LEU B 120 11.74 -2.52 -5.44
N LEU B 121 12.26 -3.66 -5.89
CA LEU B 121 13.67 -3.71 -6.32
C LEU B 121 13.98 -2.78 -7.47
N ASN B 122 13.05 -2.72 -8.43
CA ASN B 122 13.23 -1.91 -9.64
C ASN B 122 13.22 -0.41 -9.34
N ALA B 123 12.50 -0.03 -8.29
CA ALA B 123 12.29 1.37 -7.88
C ALA B 123 13.52 2.00 -7.20
N ARG B 124 14.51 1.17 -6.87
CA ARG B 124 15.79 1.63 -6.30
CA ARG B 124 15.75 1.68 -6.29
C ARG B 124 16.61 2.40 -7.33
N GLU B 125 16.45 2.00 -8.60
CA GLU B 125 17.14 2.57 -9.78
C GLU B 125 18.67 2.53 -9.69
N LEU C 3 -11.25 -15.53 2.78
CA LEU C 3 -11.36 -16.50 1.65
C LEU C 3 -10.11 -17.38 1.55
N GLU C 4 -10.17 -18.36 0.65
CA GLU C 4 -9.04 -19.26 0.39
C GLU C 4 -8.40 -18.99 -0.97
N ALA C 5 -9.12 -18.30 -1.85
CA ALA C 5 -8.62 -18.03 -3.20
C ALA C 5 -8.73 -16.56 -3.61
N VAL C 6 -8.01 -16.19 -4.66
CA VAL C 6 -8.10 -14.85 -5.24
C VAL C 6 -8.78 -15.00 -6.60
N THR C 7 -10.01 -14.48 -6.71
CA THR C 7 -10.82 -14.73 -7.91
C THR C 7 -10.94 -13.51 -8.83
N ILE C 8 -10.63 -13.72 -10.11
CA ILE C 8 -10.70 -12.67 -11.13
C ILE C 8 -11.88 -12.95 -12.04
N LEU C 9 -12.78 -11.98 -12.17
CA LEU C 9 -13.80 -12.08 -13.19
C LEU C 9 -13.22 -11.57 -14.50
N LEU C 10 -13.28 -12.41 -15.53
CA LEU C 10 -12.69 -12.10 -16.80
C LEU C 10 -13.75 -12.13 -17.88
N ALA C 11 -13.98 -11.00 -18.56
CA ALA C 11 -15.07 -10.87 -19.55
C ALA C 11 -14.58 -10.42 -20.93
N ASP C 12 -14.67 -11.30 -21.91
CA ASP C 12 -14.28 -10.96 -23.28
C ASP C 12 -15.09 -11.77 -24.27
N ASP C 13 -15.53 -11.14 -25.35
CA ASP C 13 -16.36 -11.83 -26.36
C ASP C 13 -15.55 -12.59 -27.42
N GLU C 14 -14.22 -12.49 -27.38
CA GLU C 14 -13.34 -13.30 -28.23
C GLU C 14 -12.88 -14.53 -27.47
N ALA C 15 -13.42 -15.69 -27.83
CA ALA C 15 -13.14 -16.95 -27.12
C ALA C 15 -11.66 -17.31 -27.03
N ILE C 16 -10.90 -17.04 -28.10
CA ILE C 16 -9.47 -17.33 -28.13
C ILE C 16 -8.73 -16.50 -27.07
N LEU C 17 -9.14 -15.24 -26.95
CA LEU C 17 -8.56 -14.33 -25.99
C LEU C 17 -9.00 -14.73 -24.59
N LEU C 18 -10.29 -15.02 -24.44
CA LEU C 18 -10.81 -15.48 -23.15
C LEU C 18 -10.06 -16.70 -22.63
N LEU C 19 -9.85 -17.71 -23.50
CA LEU C 19 -9.12 -18.92 -23.15
C LEU C 19 -7.68 -18.63 -22.76
N ASP C 20 -7.01 -17.82 -23.57
CA ASP C 20 -5.60 -17.46 -23.38
C ASP C 20 -5.39 -16.72 -22.06
N PHE C 21 -6.20 -15.69 -21.82
CA PHE C 21 -6.12 -14.92 -20.56
C PHE C 21 -6.48 -15.80 -19.36
N GLU C 22 -7.50 -16.65 -19.51
CA GLU C 22 -7.87 -17.56 -18.43
C GLU C 22 -6.69 -18.45 -18.00
N SER C 23 -6.00 -19.05 -18.96
CA SER C 23 -4.89 -19.96 -18.67
CA SER C 23 -4.89 -19.96 -18.70
C SER C 23 -3.68 -19.24 -18.09
N THR C 24 -3.42 -18.02 -18.57
CA THR C 24 -2.29 -17.23 -18.04
C THR C 24 -2.53 -16.85 -16.58
N LEU C 25 -3.75 -16.41 -16.29
CA LEU C 25 -4.12 -16.01 -14.94
C LEU C 25 -4.16 -17.20 -13.98
N THR C 26 -4.66 -18.34 -14.44
CA THR C 26 -4.72 -19.53 -13.58
C THR C 26 -3.33 -20.08 -13.26
N ASP C 27 -2.42 -20.01 -14.25
CA ASP C 27 -1.02 -20.41 -14.04
C ASP C 27 -0.31 -19.49 -13.07
N ALA C 28 -0.81 -18.26 -12.95
CA ALA C 28 -0.22 -17.26 -12.07
C ALA C 28 -0.77 -17.34 -10.64
N GLY C 29 -1.78 -18.18 -10.43
CA GLY C 29 -2.28 -18.47 -9.09
C GLY C 29 -3.73 -18.05 -8.83
N PHE C 30 -4.33 -17.35 -9.78
CA PHE C 30 -5.70 -16.85 -9.65
C PHE C 30 -6.73 -17.92 -10.03
N LEU C 31 -7.91 -17.86 -9.42
CA LEU C 31 -9.09 -18.58 -9.90
C LEU C 31 -9.75 -17.62 -10.86
N VAL C 32 -10.28 -18.13 -11.96
CA VAL C 32 -10.88 -17.27 -12.95
C VAL C 32 -12.33 -17.66 -13.22
N THR C 33 -13.22 -16.68 -13.18
CA THR C 33 -14.58 -16.87 -13.67
C THR C 33 -14.60 -16.17 -15.02
N ALA C 34 -14.56 -16.96 -16.09
CA ALA C 34 -14.44 -16.44 -17.44
C ALA C 34 -15.82 -16.40 -18.05
N VAL C 35 -16.22 -15.24 -18.57
CA VAL C 35 -17.55 -15.07 -19.18
C VAL C 35 -17.45 -14.35 -20.52
N SER C 36 -18.47 -14.48 -21.36
CA SER C 36 -18.39 -14.02 -22.75
C SER C 36 -19.09 -12.69 -23.03
N SER C 37 -19.79 -12.13 -22.04
CA SER C 37 -20.47 -10.86 -22.22
C SER C 37 -20.47 -10.02 -20.94
N GLY C 38 -20.67 -8.71 -21.12
CA GLY C 38 -20.89 -7.79 -20.01
C GLY C 38 -22.10 -8.14 -19.18
N ALA C 39 -23.17 -8.57 -19.86
CA ALA C 39 -24.37 -9.06 -19.19
C ALA C 39 -24.06 -10.20 -18.20
N LYS C 40 -23.29 -11.19 -18.65
CA LYS C 40 -22.94 -12.29 -17.75
C LYS C 40 -21.99 -11.86 -16.63
N ALA C 41 -21.10 -10.91 -16.93
CA ALA C 41 -20.17 -10.39 -15.89
C ALA C 41 -20.97 -9.72 -14.78
N ILE C 42 -21.93 -8.90 -15.17
CA ILE C 42 -22.80 -8.18 -14.23
C ILE C 42 -23.64 -9.17 -13.41
N GLU C 43 -24.18 -10.18 -14.09
CA GLU C 43 -24.90 -11.26 -13.41
C GLU C 43 -24.03 -11.95 -12.37
N MSE C 44 -22.76 -12.18 -12.68
CA MSE C 44 -21.83 -12.82 -11.75
CA MSE C 44 -21.87 -12.79 -11.73
C MSE C 44 -21.65 -11.88 -10.56
O MSE C 44 -21.59 -12.31 -9.44
CB MSE C 44 -20.49 -13.15 -12.41
CB MSE C 44 -20.54 -13.17 -12.36
CG MSE C 44 -20.48 -14.43 -13.22
CG MSE C 44 -20.61 -14.25 -13.39
SE MSE C 44 -21.16 -16.00 -12.27
SE MSE C 44 -21.32 -15.95 -12.76
CE MSE C 44 -20.03 -15.96 -10.69
CE MSE C 44 -23.10 -15.80 -13.43
N LEU C 45 -21.47 -10.60 -10.83
CA LEU C 45 -21.28 -9.59 -9.79
C LEU C 45 -22.51 -9.47 -8.89
N LYS C 46 -23.68 -9.38 -9.50
CA LYS C 46 -24.93 -9.23 -8.76
C LYS C 46 -25.42 -10.48 -8.02
N SER C 47 -24.84 -11.64 -8.37
N SER C 47 -24.85 -11.65 -8.35
CA SER C 47 -25.17 -12.92 -7.72
CA SER C 47 -25.24 -12.89 -7.67
C SER C 47 -24.60 -13.01 -6.32
C SER C 47 -24.40 -13.18 -6.43
N GLY C 48 -23.55 -12.22 -6.05
CA GLY C 48 -22.88 -12.24 -4.76
C GLY C 48 -21.68 -13.15 -4.64
N ALA C 49 -21.16 -13.61 -5.78
CA ALA C 49 -19.93 -14.39 -5.79
C ALA C 49 -18.76 -13.53 -5.33
N ALA C 50 -17.80 -14.16 -4.66
CA ALA C 50 -16.61 -13.46 -4.21
C ALA C 50 -15.68 -13.19 -5.40
N ILE C 51 -15.63 -11.92 -5.82
CA ILE C 51 -14.81 -11.47 -6.94
C ILE C 51 -13.82 -10.43 -6.44
N ASP C 52 -12.54 -10.73 -6.61
CA ASP C 52 -11.45 -9.89 -6.10
C ASP C 52 -10.85 -8.90 -7.11
N GLY C 53 -11.13 -9.11 -8.39
CA GLY C 53 -10.71 -8.18 -9.44
C GLY C 53 -11.52 -8.43 -10.70
N VAL C 54 -11.65 -7.41 -11.53
CA VAL C 54 -12.39 -7.50 -12.78
C VAL C 54 -11.51 -7.09 -13.95
N VAL C 55 -11.44 -7.97 -14.96
CA VAL C 55 -10.76 -7.69 -16.21
C VAL C 55 -11.83 -7.79 -17.31
N THR C 56 -12.12 -6.68 -17.95
CA THR C 56 -13.25 -6.63 -18.90
C THR C 56 -12.93 -5.93 -20.20
N ASP C 57 -13.46 -6.49 -21.29
CA ASP C 57 -13.45 -5.78 -22.57
C ASP C 57 -14.39 -4.59 -22.46
N ILE C 58 -14.10 -3.54 -23.22
CA ILE C 58 -14.93 -2.34 -23.16
C ILE C 58 -16.21 -2.53 -23.94
N ARG C 59 -16.14 -3.35 -24.98
CA ARG C 59 -17.22 -3.52 -25.94
C ARG C 59 -17.56 -5.01 -26.12
N PHE C 60 -18.86 -5.30 -26.15
CA PHE C 60 -19.34 -6.66 -26.43
C PHE C 60 -20.32 -6.56 -27.60
N CYS C 61 -20.85 -7.69 -28.04
CA CYS C 61 -21.82 -7.72 -29.14
C CYS C 61 -23.09 -6.95 -28.81
N GLN C 62 -23.60 -7.14 -27.60
CA GLN C 62 -24.77 -6.45 -27.10
C GLN C 62 -24.40 -5.70 -25.81
N PRO C 63 -25.12 -4.60 -25.50
CA PRO C 63 -25.10 -3.98 -24.17
C PRO C 63 -25.47 -4.96 -23.05
N PRO C 64 -24.95 -4.75 -21.82
CA PRO C 64 -24.13 -3.65 -21.30
C PRO C 64 -22.66 -3.75 -21.70
N ASP C 65 -22.01 -2.60 -21.79
CA ASP C 65 -20.62 -2.53 -22.18
C ASP C 65 -19.69 -2.65 -20.97
N GLY C 66 -18.39 -2.67 -21.22
CA GLY C 66 -17.40 -2.82 -20.15
C GLY C 66 -17.35 -1.65 -19.18
N TRP C 67 -17.69 -0.46 -19.68
CA TRP C 67 -17.84 0.71 -18.81
C TRP C 67 -18.87 0.46 -17.72
N GLN C 68 -20.02 -0.11 -18.11
CA GLN C 68 -21.08 -0.45 -17.17
C GLN C 68 -20.71 -1.59 -16.23
N VAL C 69 -19.95 -2.57 -16.73
CA VAL C 69 -19.49 -3.69 -15.90
C VAL C 69 -18.63 -3.15 -14.76
N ALA C 70 -17.72 -2.22 -15.08
CA ALA C 70 -16.85 -1.63 -14.06
C ALA C 70 -17.60 -0.80 -13.03
N ARG C 71 -18.67 -0.12 -13.46
CA ARG C 71 -19.50 0.64 -12.53
C ARG C 71 -20.23 -0.24 -11.54
N VAL C 72 -20.78 -1.36 -12.01
CA VAL C 72 -21.48 -2.29 -11.12
C VAL C 72 -20.50 -2.88 -10.13
N ALA C 73 -19.32 -3.27 -10.61
CA ALA C 73 -18.26 -3.80 -9.76
C ALA C 73 -17.86 -2.81 -8.66
N ARG C 74 -17.68 -1.55 -9.05
CA ARG C 74 -17.30 -0.49 -8.11
C ARG C 74 -18.41 -0.08 -7.14
N GLU C 75 -19.66 -0.22 -7.57
CA GLU C 75 -20.81 -0.02 -6.67
C GLU C 75 -20.81 -1.06 -5.55
N ILE C 76 -20.45 -2.30 -5.91
CA ILE C 76 -20.37 -3.41 -4.98
C ILE C 76 -19.16 -3.23 -4.06
N ASP C 77 -18.01 -2.96 -4.66
CA ASP C 77 -16.77 -2.77 -3.93
C ASP C 77 -15.99 -1.58 -4.53
N PRO C 78 -15.95 -0.45 -3.79
CA PRO C 78 -15.38 0.80 -4.30
C PRO C 78 -13.87 0.73 -4.54
N ASN C 79 -13.25 -0.31 -4.00
CA ASN C 79 -11.81 -0.55 -4.15
C ASN C 79 -11.47 -1.62 -5.18
N MSE C 80 -12.48 -2.10 -5.92
CA MSE C 80 -12.28 -3.21 -6.87
C MSE C 80 -11.20 -2.89 -7.89
O MSE C 80 -11.26 -1.87 -8.55
CB MSE C 80 -13.57 -3.53 -7.63
CG MSE C 80 -13.50 -4.79 -8.51
SE MSE C 80 -13.74 -6.44 -7.52
CE MSE C 80 -15.69 -6.54 -7.83
N PRO C 81 -10.18 -3.76 -7.99
CA PRO C 81 -9.25 -3.66 -9.13
C PRO C 81 -10.00 -3.81 -10.48
N ILE C 82 -9.80 -2.85 -11.37
CA ILE C 82 -10.44 -2.83 -12.70
C ILE C 82 -9.38 -2.68 -13.78
N VAL C 83 -9.32 -3.68 -14.67
CA VAL C 83 -8.50 -3.61 -15.88
C VAL C 83 -9.42 -3.69 -17.08
N TYR C 84 -9.35 -2.69 -17.96
CA TYR C 84 -10.10 -2.69 -19.22
C TYR C 84 -9.26 -3.24 -20.34
N ILE C 85 -9.91 -4.00 -21.23
CA ILE C 85 -9.29 -4.54 -22.43
CA ILE C 85 -9.28 -4.54 -22.44
C ILE C 85 -9.93 -3.86 -23.64
N SER C 86 -9.11 -3.37 -24.54
CA SER C 86 -9.64 -2.74 -25.71
C SER C 86 -8.80 -2.93 -26.94
N GLY C 87 -9.45 -2.92 -28.08
CA GLY C 87 -8.76 -2.80 -29.33
C GLY C 87 -8.82 -1.42 -29.93
N HIS C 88 -9.30 -0.43 -29.19
CA HIS C 88 -9.20 0.98 -29.58
C HIS C 88 -8.56 1.93 -28.55
N ALA C 89 -9.13 2.03 -27.35
CA ALA C 89 -10.09 3.07 -27.00
C ALA C 89 -9.73 3.96 -25.83
N ALA C 90 -8.50 4.41 -25.74
CA ALA C 90 -8.13 5.20 -24.59
C ALA C 90 -8.77 6.58 -24.62
N LEU C 91 -9.12 7.02 -25.82
CA LEU C 91 -9.92 8.18 -25.87
C LEU C 91 -11.19 7.95 -25.11
N GLU C 92 -11.82 6.79 -25.27
CA GLU C 92 -13.03 6.56 -24.52
C GLU C 92 -12.82 6.42 -23.02
N TRP C 93 -11.71 5.81 -22.62
CA TRP C 93 -11.32 5.60 -21.21
C TRP C 93 -11.24 6.90 -20.41
N ALA C 94 -10.72 7.94 -21.05
CA ALA C 94 -10.56 9.27 -20.47
C ALA C 94 -11.87 9.85 -19.91
N SER C 95 -12.99 9.56 -20.57
CA SER C 95 -14.29 10.03 -20.09
C SER C 95 -15.18 8.96 -19.45
N ASN C 96 -14.89 7.68 -19.69
CA ASN C 96 -15.74 6.59 -19.20
C ASN C 96 -15.13 5.68 -18.12
N GLY C 97 -13.80 5.59 -18.06
CA GLY C 97 -13.13 4.75 -17.07
C GLY C 97 -13.32 5.20 -15.64
N VAL C 98 -13.25 4.26 -14.71
CA VAL C 98 -13.38 4.55 -13.28
C VAL C 98 -11.99 4.92 -12.73
N PRO C 99 -11.93 5.62 -11.58
CA PRO C 99 -10.61 6.01 -11.03
C PRO C 99 -9.73 4.81 -10.68
N ASP C 100 -8.41 4.97 -10.87
CA ASP C 100 -7.40 3.95 -10.49
C ASP C 100 -7.41 2.66 -11.34
N SER C 101 -8.20 2.67 -12.41
CA SER C 101 -8.24 1.53 -13.31
C SER C 101 -7.04 1.55 -14.26
N ILE C 102 -6.73 0.39 -14.84
CA ILE C 102 -5.74 0.27 -15.91
C ILE C 102 -6.46 -0.06 -17.22
N ILE C 103 -6.05 0.57 -18.32
CA ILE C 103 -6.53 0.14 -19.65
C ILE C 103 -5.39 -0.45 -20.48
N LEU C 104 -5.61 -1.68 -20.94
CA LEU C 104 -4.64 -2.35 -21.82
C LEU C 104 -5.16 -2.36 -23.24
N GLU C 105 -4.36 -1.83 -24.16
CA GLU C 105 -4.69 -1.85 -25.57
C GLU C 105 -4.11 -3.10 -26.22
N LYS C 106 -4.96 -3.82 -26.94
CA LYS C 106 -4.55 -5.00 -27.69
C LYS C 106 -3.57 -4.60 -28.81
N PRO C 107 -2.47 -5.37 -29.01
CA PRO C 107 -2.08 -6.55 -28.24
C PRO C 107 -1.29 -6.25 -26.96
N PHE C 108 -1.43 -7.13 -25.99
CA PHE C 108 -0.67 -7.10 -24.77
C PHE C 108 -0.36 -8.54 -24.40
N THR C 109 0.74 -8.75 -23.69
CA THR C 109 1.17 -10.08 -23.35
C THR C 109 0.49 -10.56 -22.08
N SER C 110 0.65 -11.86 -21.83
CA SER C 110 0.23 -12.51 -20.60
C SER C 110 0.85 -11.79 -19.40
N ALA C 111 2.14 -11.52 -19.50
CA ALA C 111 2.88 -10.85 -18.44
C ALA C 111 2.30 -9.49 -18.08
N GLN C 112 1.85 -8.74 -19.09
CA GLN C 112 1.24 -7.43 -18.86
C GLN C 112 -0.05 -7.57 -18.03
N LEU C 113 -0.89 -8.54 -18.38
CA LEU C 113 -2.15 -8.71 -17.69
C LEU C 113 -1.91 -9.12 -16.23
N ILE C 114 -0.97 -10.05 -16.06
CA ILE C 114 -0.59 -10.53 -14.73
CA ILE C 114 -0.57 -10.53 -14.72
C ILE C 114 -0.08 -9.37 -13.87
N THR C 115 0.84 -8.57 -14.42
CA THR C 115 1.40 -7.42 -13.72
C THR C 115 0.32 -6.38 -13.36
N ALA C 116 -0.56 -6.07 -14.30
CA ALA C 116 -1.66 -5.14 -14.04
C ALA C 116 -2.55 -5.61 -12.90
N VAL C 117 -3.04 -6.84 -12.98
CA VAL C 117 -3.93 -7.41 -11.96
C VAL C 117 -3.22 -7.45 -10.60
N SER C 118 -1.99 -7.94 -10.59
CA SER C 118 -1.23 -8.07 -9.35
C SER C 118 -0.95 -6.73 -8.67
N GLN C 119 -0.54 -5.73 -9.46
CA GLN C 119 -0.22 -4.42 -8.90
CA GLN C 119 -0.24 -4.38 -8.97
C GLN C 119 -1.44 -3.75 -8.29
N LEU C 120 -2.61 -3.89 -8.94
CA LEU C 120 -3.81 -3.32 -8.40
C LEU C 120 -4.28 -4.02 -7.13
N LEU C 121 -4.15 -5.34 -7.09
CA LEU C 121 -4.50 -6.09 -5.90
C LEU C 121 -3.55 -5.73 -4.76
N ASN C 122 -2.26 -5.62 -5.06
CA ASN C 122 -1.27 -5.28 -4.03
C ASN C 122 -1.45 -3.88 -3.42
N ALA C 123 -1.97 -2.94 -4.21
CA ALA C 123 -2.20 -1.56 -3.79
C ALA C 123 -3.49 -1.33 -2.99
N ARG C 124 -4.34 -2.36 -2.90
CA ARG C 124 -5.64 -2.29 -2.22
CA ARG C 124 -5.64 -2.30 -2.22
C ARG C 124 -5.60 -1.86 -0.76
N GLU C 125 -6.64 -1.10 -0.38
CA GLU C 125 -6.96 -0.56 0.97
C GLU C 125 -7.18 0.95 0.89
C1 GOL D . 14.48 18.19 16.73
O1 GOL D . 15.36 18.49 15.66
C2 GOL D . 13.02 18.41 16.34
O2 GOL D . 12.48 17.23 15.82
C3 GOL D . 12.88 19.56 15.34
O3 GOL D . 11.54 19.67 14.92
C1 GOL E . -2.33 4.03 5.08
O1 GOL E . -3.40 3.14 5.29
C2 GOL E . -2.76 5.11 4.12
O2 GOL E . -2.36 4.78 2.80
C3 GOL E . -2.12 6.42 4.52
O3 GOL E . -2.64 7.45 3.72
C1 GOL F . -8.70 2.52 -4.91
O1 GOL F . -8.92 1.88 -6.14
C2 GOL F . -9.73 3.63 -4.65
O2 GOL F . -9.08 4.81 -4.25
C3 GOL F . -10.61 3.90 -5.88
O3 GOL F . -11.94 4.03 -5.45
#